data_4BS6
#
_entry.id   4BS6
#
_cell.length_a   33.270
_cell.length_b   66.740
_cell.length_c   97.960
_cell.angle_alpha   90.00
_cell.angle_beta   90.36
_cell.angle_gamma   90.00
#
_symmetry.space_group_name_H-M   'P 1 2 1'
#
loop_
_entity.id
_entity.type
_entity.pdbx_description
1 polymer 'CATHEPSIN S'
2 non-polymer GLYCEROL
3 non-polymer (2S,4R)-4-[2-chloranyl-4-(4-ethylpiperazin-1-yl)phenyl]sulfonyl-N-[1-(iminomethyl)cyclopropyl]-1-[1-(trifluoromethyl)cyclopropyl]carbonyl-pyrrolidine-2-carboxamide
4 water water
#
_entity_poly.entity_id   1
_entity_poly.type   'polypeptide(L)'
_entity_poly.pdbx_seq_one_letter_code
;RSYSNRTLPDTVDWREKGCVTEVKYQGSCGACWAFSAVGALEGQLKLKTGKLISLSAQNLVDCSNEEKYGNKGCGGGYMT
EAFQYIIDNGGIEADASYPYKAMDEKCHYNSKNRAATCSRYIQLPFGDEDALKEAVATKGPVSVGIDASHSSFFFYKSGV
YDDPSCTGNVNHGVLVVGYGTLDGKDYWLVKNSWGLNFGDQGYIRMARNNKNHCGIASYCSYPEI
;
_entity_poly.pdbx_strand_id   A,B
#
loop_
_chem_comp.id
_chem_comp.type
_chem_comp.name
_chem_comp.formula
GOL non-polymer GLYCEROL 'C3 H8 O3'
JG7 non-polymer (2S,4R)-4-[2-chloranyl-4-(4-ethylpiperazin-1-yl)phenyl]sulfonyl-N-[1-(iminomethyl)cyclopropyl]-1-[1-(trifluoromethyl)cyclopropyl]carbonyl-pyrrolidine-2-carboxamide 'C26 H33 Cl F3 N5 O4 S'
#
# COMPACT_ATOMS: atom_id res chain seq x y z
N THR A 7 17.91 7.26 -2.79
CA THR A 7 18.85 6.70 -1.77
C THR A 7 18.10 5.92 -0.68
N LEU A 8 18.60 4.74 -0.37
CA LEU A 8 17.89 3.80 0.49
C LEU A 8 18.29 3.91 1.96
N PRO A 9 17.34 3.67 2.87
CA PRO A 9 17.71 3.65 4.28
C PRO A 9 18.70 2.53 4.59
N ASP A 10 19.56 2.76 5.58
CA ASP A 10 20.52 1.75 5.99
C ASP A 10 19.87 0.57 6.69
N THR A 11 18.74 0.83 7.36
CA THR A 11 18.05 -0.18 8.14
C THR A 11 16.55 -0.08 7.86
N VAL A 12 15.92 -1.25 7.69
CA VAL A 12 14.48 -1.35 7.49
C VAL A 12 13.94 -2.48 8.35
N ASP A 13 12.78 -2.25 8.95
CA ASP A 13 12.09 -3.29 9.71
C ASP A 13 10.59 -3.01 9.59
N TRP A 14 9.91 -3.76 8.73
CA TRP A 14 8.49 -3.54 8.47
C TRP A 14 7.62 -3.86 9.68
N ARG A 15 8.17 -4.56 10.67
CA ARG A 15 7.43 -4.79 11.90
C ARG A 15 7.13 -3.45 12.57
N GLU A 16 8.06 -2.51 12.45
CA GLU A 16 7.91 -1.21 13.11
C GLU A 16 6.85 -0.32 12.44
N LYS A 17 6.47 -0.65 11.21
CA LYS A 17 5.44 0.07 10.47
C LYS A 17 4.11 -0.65 10.55
N GLY A 18 4.02 -1.67 11.38
CA GLY A 18 2.77 -2.38 11.56
C GLY A 18 2.34 -3.20 10.36
N CYS A 19 3.31 -3.65 9.56
CA CYS A 19 3.02 -4.38 8.32
C CYS A 19 3.27 -5.87 8.39
N VAL A 20 3.58 -6.39 9.57
CA VAL A 20 3.91 -7.80 9.75
C VAL A 20 3.06 -8.40 10.87
N THR A 21 2.40 -9.51 10.55
CA THR A 21 1.54 -10.21 11.51
C THR A 21 2.33 -11.17 12.40
N GLU A 22 1.64 -11.72 13.39
CA GLU A 22 2.19 -12.74 14.27
C GLU A 22 2.87 -13.88 13.48
N VAL A 23 3.97 -14.38 14.03
CA VAL A 23 4.67 -15.53 13.47
C VAL A 23 3.76 -16.74 13.62
N LYS A 24 3.61 -17.49 12.53
CA LYS A 24 2.77 -18.67 12.50
C LYS A 24 3.57 -19.96 12.66
N TYR A 25 2.85 -21.06 12.92
CA TYR A 25 3.41 -22.38 13.16
C TYR A 25 2.88 -23.36 12.11
N GLN A 26 3.74 -23.75 11.18
CA GLN A 26 3.30 -24.59 10.07
C GLN A 26 3.12 -26.06 10.47
N GLY A 27 3.76 -26.46 11.56
CA GLY A 27 3.66 -27.84 12.02
C GLY A 27 4.33 -28.78 11.04
N SER A 28 3.75 -29.96 10.86
N SER A 28 3.74 -29.96 10.87
CA SER A 28 4.34 -30.96 9.97
CA SER A 28 4.29 -31.01 10.00
C SER A 28 3.77 -30.94 8.56
C SER A 28 3.87 -30.87 8.53
N CYS A 29 3.11 -29.84 8.21
CA CYS A 29 2.62 -29.62 6.84
C CYS A 29 3.62 -28.70 6.14
N GLY A 30 4.02 -29.07 4.92
CA GLY A 30 4.99 -28.31 4.15
C GLY A 30 4.41 -27.08 3.48
N ALA A 31 3.96 -26.16 4.32
CA ALA A 31 3.20 -24.97 3.92
C ALA A 31 4.03 -23.70 4.02
N CYS A 32 5.35 -23.81 4.12
CA CYS A 32 6.21 -22.62 4.22
C CYS A 32 5.92 -21.60 3.13
N TRP A 33 5.75 -22.11 1.91
CA TRP A 33 5.46 -21.32 0.73
C TRP A 33 4.17 -20.51 0.90
N ALA A 34 3.18 -21.13 1.53
CA ALA A 34 1.90 -20.49 1.72
C ALA A 34 2.02 -19.37 2.78
N PHE A 35 2.74 -19.64 3.86
CA PHE A 35 3.00 -18.61 4.85
C PHE A 35 3.80 -17.45 4.27
N SER A 36 4.82 -17.76 3.46
CA SER A 36 5.60 -16.72 2.83
C SER A 36 4.70 -15.84 1.94
N ALA A 37 3.87 -16.47 1.13
CA ALA A 37 3.01 -15.74 0.22
C ALA A 37 1.99 -14.87 0.95
N VAL A 38 1.29 -15.42 1.95
CA VAL A 38 0.35 -14.58 2.70
C VAL A 38 1.06 -13.48 3.44
N GLY A 39 2.26 -13.74 3.94
CA GLY A 39 3.01 -12.69 4.63
C GLY A 39 3.28 -11.50 3.72
N ALA A 40 3.67 -11.78 2.49
CA ALA A 40 3.91 -10.70 1.54
C ALA A 40 2.63 -9.94 1.23
N LEU A 41 1.54 -10.67 1.06
CA LEU A 41 0.27 -10.02 0.74
C LEU A 41 -0.29 -9.24 1.94
N GLU A 42 -0.08 -9.74 3.16
CA GLU A 42 -0.45 -9.02 4.39
C GLU A 42 0.20 -7.65 4.44
N GLY A 43 1.47 -7.60 4.05
CA GLY A 43 2.20 -6.35 4.02
C GLY A 43 1.57 -5.36 3.07
N GLN A 44 1.25 -5.83 1.86
CA GLN A 44 0.63 -4.97 0.87
C GLN A 44 -0.77 -4.54 1.32
N LEU A 45 -1.54 -5.46 1.90
CA LEU A 45 -2.87 -5.12 2.36
C LEU A 45 -2.82 -4.01 3.40
N LYS A 46 -1.88 -4.10 4.33
CA LYS A 46 -1.71 -3.03 5.32
C LYS A 46 -1.31 -1.71 4.67
N LEU A 47 -0.32 -1.75 3.79
CA LEU A 47 0.12 -0.54 3.13
C LEU A 47 -0.97 0.16 2.33
N LYS A 48 -1.87 -0.60 1.72
N LYS A 48 -1.85 -0.62 1.70
CA LYS A 48 -2.93 -0.03 0.89
CA LYS A 48 -2.91 -0.06 0.88
C LYS A 48 -4.18 0.34 1.66
C LYS A 48 -4.11 0.38 1.74
N THR A 49 -4.65 -0.55 2.53
CA THR A 49 -5.90 -0.32 3.26
C THR A 49 -5.76 0.25 4.66
N GLY A 50 -4.59 0.07 5.28
CA GLY A 50 -4.40 0.47 6.65
C GLY A 50 -4.76 -0.60 7.68
N LYS A 51 -5.25 -1.76 7.22
CA LYS A 51 -5.60 -2.86 8.13
C LYS A 51 -4.57 -3.97 8.04
N LEU A 52 -4.10 -4.43 9.19
CA LEU A 52 -3.23 -5.59 9.28
C LEU A 52 -4.05 -6.79 9.67
N ILE A 53 -4.09 -7.78 8.79
CA ILE A 53 -4.93 -8.94 8.96
C ILE A 53 -4.14 -10.16 8.50
N SER A 54 -4.06 -11.20 9.34
CA SER A 54 -3.41 -12.44 8.93
C SER A 54 -4.29 -13.08 7.87
N LEU A 55 -3.68 -13.46 6.75
CA LEU A 55 -4.42 -14.04 5.65
C LEU A 55 -4.27 -15.57 5.65
N SER A 56 -5.13 -16.24 4.90
CA SER A 56 -5.30 -17.68 5.04
C SER A 56 -4.29 -18.51 4.26
N ALA A 57 -3.24 -18.97 4.94
CA ALA A 57 -2.32 -19.95 4.37
C ALA A 57 -3.08 -21.22 3.98
N GLN A 58 -4.06 -21.62 4.78
CA GLN A 58 -4.80 -22.84 4.50
C GLN A 58 -5.58 -22.76 3.17
N ASN A 59 -6.11 -21.59 2.87
CA ASN A 59 -6.82 -21.34 1.63
C ASN A 59 -5.90 -21.65 0.44
N LEU A 60 -4.65 -21.25 0.55
CA LEU A 60 -3.67 -21.57 -0.51
C LEU A 60 -3.38 -23.08 -0.58
N VAL A 61 -3.17 -23.69 0.57
CA VAL A 61 -2.87 -25.11 0.66
C VAL A 61 -3.96 -25.94 0.00
N ASP A 62 -5.20 -25.68 0.41
CA ASP A 62 -6.34 -26.48 -0.05
C ASP A 62 -6.71 -26.27 -1.51
N CYS A 63 -6.50 -25.06 -2.02
CA CYS A 63 -7.15 -24.62 -3.25
C CYS A 63 -6.26 -24.48 -4.46
N SER A 64 -4.94 -24.53 -4.26
CA SER A 64 -4.00 -24.42 -5.38
C SER A 64 -3.24 -25.72 -5.65
N ASN A 65 -3.71 -26.83 -5.11
CA ASN A 65 -3.08 -28.14 -5.26
C ASN A 65 -3.59 -28.81 -6.54
N GLU A 66 -3.11 -28.30 -7.67
CA GLU A 66 -3.47 -28.83 -8.98
C GLU A 66 -2.44 -28.44 -10.04
N GLU A 67 -2.46 -29.15 -11.16
CA GLU A 67 -1.46 -29.00 -12.24
C GLU A 67 -1.30 -27.57 -12.75
N LYS A 68 -2.41 -26.83 -12.79
CA LYS A 68 -2.43 -25.42 -13.18
C LYS A 68 -1.35 -24.61 -12.46
N TYR A 69 -1.12 -24.94 -11.19
CA TYR A 69 -0.21 -24.20 -10.33
C TYR A 69 1.07 -24.94 -9.98
N GLY A 70 0.99 -26.25 -9.84
CA GLY A 70 2.16 -27.01 -9.42
C GLY A 70 2.48 -26.88 -7.94
N ASN A 71 1.56 -26.31 -7.17
CA ASN A 71 1.64 -26.41 -5.73
C ASN A 71 1.11 -27.77 -5.31
N LYS A 72 1.61 -28.24 -4.17
CA LYS A 72 1.34 -29.59 -3.70
C LYS A 72 0.80 -29.58 -2.28
N GLY A 73 0.15 -28.49 -1.89
CA GLY A 73 -0.42 -28.40 -0.55
C GLY A 73 0.66 -28.59 0.50
N CYS A 74 0.45 -29.54 1.40
CA CYS A 74 1.41 -29.84 2.44
C CYS A 74 2.70 -30.49 1.92
N GLY A 75 2.74 -30.81 0.63
CA GLY A 75 3.95 -31.34 0.01
C GLY A 75 4.87 -30.27 -0.55
N GLY A 76 4.55 -29.01 -0.35
CA GLY A 76 5.38 -27.90 -0.80
C GLY A 76 4.71 -27.15 -1.93
N GLY A 77 5.32 -26.04 -2.32
CA GLY A 77 4.74 -25.20 -3.36
C GLY A 77 5.54 -23.94 -3.57
N TYR A 78 5.00 -23.04 -4.38
CA TYR A 78 5.70 -21.84 -4.83
C TYR A 78 4.90 -20.59 -4.49
N MET A 79 5.60 -19.60 -3.96
CA MET A 79 4.97 -18.33 -3.63
C MET A 79 4.40 -17.65 -4.87
N THR A 80 5.12 -17.70 -6.00
CA THR A 80 4.60 -17.09 -7.22
C THR A 80 3.25 -17.70 -7.63
N GLU A 81 3.18 -19.03 -7.52
CA GLU A 81 1.97 -19.74 -7.93
C GLU A 81 0.84 -19.50 -6.93
N ALA A 82 1.18 -19.32 -5.66
CA ALA A 82 0.19 -18.86 -4.68
C ALA A 82 -0.41 -17.53 -5.12
N PHE A 83 0.45 -16.58 -5.51
CA PHE A 83 -0.07 -15.31 -6.00
C PHE A 83 -0.95 -15.51 -7.23
N GLN A 84 -0.52 -16.36 -8.16
CA GLN A 84 -1.32 -16.61 -9.36
C GLN A 84 -2.70 -17.18 -8.99
N TYR A 85 -2.74 -18.10 -8.05
CA TYR A 85 -4.02 -18.61 -7.57
C TYR A 85 -4.91 -17.46 -7.06
N ILE A 86 -4.36 -16.58 -6.24
CA ILE A 86 -5.16 -15.48 -5.68
C ILE A 86 -5.69 -14.58 -6.80
N ILE A 87 -4.85 -14.31 -7.80
CA ILE A 87 -5.28 -13.56 -8.99
C ILE A 87 -6.43 -14.29 -9.69
N ASP A 88 -6.23 -15.56 -10.00
CA ASP A 88 -7.22 -16.33 -10.74
C ASP A 88 -8.54 -16.46 -9.98
N ASN A 89 -8.42 -16.63 -8.66
CA ASN A 89 -9.56 -16.86 -7.80
C ASN A 89 -10.36 -15.59 -7.50
N GLY A 90 -9.76 -14.43 -7.73
CA GLY A 90 -10.37 -13.15 -7.39
C GLY A 90 -10.36 -12.84 -5.90
N GLY A 91 -9.52 -13.53 -5.14
CA GLY A 91 -9.44 -13.26 -3.71
C GLY A 91 -8.85 -14.35 -2.83
N ILE A 92 -8.66 -13.98 -1.57
CA ILE A 92 -8.22 -14.91 -0.52
C ILE A 92 -8.92 -14.51 0.77
N GLU A 93 -9.20 -15.49 1.63
CA GLU A 93 -9.81 -15.25 2.93
C GLU A 93 -8.77 -14.89 3.97
N ALA A 94 -9.24 -14.30 5.08
CA ALA A 94 -8.43 -14.14 6.26
C ALA A 94 -8.26 -15.48 6.96
N ASP A 95 -7.18 -15.59 7.72
CA ASP A 95 -6.95 -16.73 8.61
C ASP A 95 -8.11 -16.94 9.58
N ALA A 96 -8.72 -15.85 10.05
CA ALA A 96 -9.77 -15.97 11.05
C ALA A 96 -10.95 -16.78 10.53
N SER A 97 -11.30 -16.61 9.25
CA SER A 97 -12.45 -17.33 8.67
C SER A 97 -12.07 -18.65 7.98
N TYR A 98 -10.78 -18.80 7.67
CA TYR A 98 -10.25 -19.98 7.00
C TYR A 98 -8.95 -20.37 7.72
N PRO A 99 -9.08 -20.96 8.93
CA PRO A 99 -7.91 -21.12 9.78
C PRO A 99 -6.98 -22.25 9.35
N TYR A 100 -5.77 -22.22 9.88
CA TYR A 100 -4.75 -23.17 9.48
C TYR A 100 -4.96 -24.51 10.19
N LYS A 101 -5.00 -25.59 9.40
CA LYS A 101 -5.25 -26.96 9.87
C LYS A 101 -4.03 -27.87 9.71
N ALA A 102 -3.06 -27.44 8.92
CA ALA A 102 -1.87 -28.24 8.63
C ALA A 102 -2.19 -29.62 8.02
N MET A 103 -3.16 -29.63 7.11
CA MET A 103 -3.51 -30.80 6.32
C MET A 103 -4.05 -30.35 4.97
N ASP A 104 -4.06 -31.28 4.02
CA ASP A 104 -4.67 -31.05 2.75
C ASP A 104 -6.15 -31.30 2.93
N GLU A 105 -6.94 -30.25 2.73
CA GLU A 105 -8.38 -30.38 2.83
C GLU A 105 -9.01 -29.90 1.54
N LYS A 106 -10.28 -30.26 1.37
CA LYS A 106 -11.03 -29.85 0.21
C LYS A 106 -11.17 -28.34 0.29
N CYS A 107 -10.95 -27.69 -0.83
CA CYS A 107 -11.07 -26.25 -0.93
C CYS A 107 -12.49 -25.85 -0.50
N HIS A 108 -12.58 -24.83 0.38
CA HIS A 108 -13.87 -24.28 0.76
C HIS A 108 -13.83 -22.76 0.84
N TYR A 109 -13.13 -22.16 -0.12
CA TYR A 109 -13.12 -20.72 -0.27
C TYR A 109 -14.53 -20.17 -0.40
N ASN A 110 -14.81 -19.14 0.39
CA ASN A 110 -16.09 -18.42 0.34
C ASN A 110 -15.86 -16.95 0.02
N SER A 111 -16.27 -16.55 -1.18
CA SER A 111 -16.12 -15.16 -1.66
C SER A 111 -16.72 -14.13 -0.72
N LYS A 112 -17.75 -14.50 0.03
CA LYS A 112 -18.34 -13.60 1.02
C LYS A 112 -17.34 -13.21 2.11
N ASN A 113 -16.32 -14.05 2.30
CA ASN A 113 -15.27 -13.83 3.30
C ASN A 113 -13.97 -13.26 2.70
N ARG A 114 -14.01 -12.78 1.46
CA ARG A 114 -12.79 -12.25 0.85
C ARG A 114 -12.19 -11.14 1.71
N ALA A 115 -10.89 -11.21 1.96
CA ALA A 115 -10.20 -10.22 2.79
C ALA A 115 -9.08 -9.52 2.02
N ALA A 116 -8.67 -10.07 0.87
CA ALA A 116 -7.62 -9.45 0.06
C ALA A 116 -7.72 -9.97 -1.35
N THR A 117 -7.08 -9.24 -2.27
CA THR A 117 -7.00 -9.60 -3.67
C THR A 117 -5.56 -9.45 -4.12
N CYS A 118 -5.30 -9.94 -5.32
CA CYS A 118 -3.99 -9.77 -5.96
C CYS A 118 -4.24 -9.51 -7.44
N SER A 119 -3.60 -8.48 -7.99
CA SER A 119 -3.74 -8.12 -9.40
C SER A 119 -2.60 -8.66 -10.27
N ARG A 120 -1.42 -8.80 -9.69
CA ARG A 120 -0.22 -9.20 -10.42
C ARG A 120 0.83 -9.49 -9.37
N TYR A 121 1.92 -10.10 -9.78
CA TYR A 121 3.09 -10.19 -8.91
C TYR A 121 4.34 -9.84 -9.70
N ILE A 122 5.38 -9.50 -8.96
CA ILE A 122 6.65 -9.05 -9.49
C ILE A 122 7.73 -10.04 -9.05
N GLN A 123 8.59 -10.44 -9.97
CA GLN A 123 9.76 -11.24 -9.68
C GLN A 123 10.99 -10.38 -9.84
N LEU A 124 11.86 -10.39 -8.83
CA LEU A 124 13.09 -9.61 -8.86
C LEU A 124 14.19 -10.39 -9.58
N PRO A 125 15.22 -9.68 -10.06
CA PRO A 125 16.30 -10.36 -10.79
C PRO A 125 17.02 -11.39 -9.93
N PHE A 126 17.35 -12.54 -10.52
CA PHE A 126 18.01 -13.62 -9.83
C PHE A 126 19.30 -13.15 -9.16
N GLY A 127 19.42 -13.41 -7.86
CA GLY A 127 20.67 -13.21 -7.14
C GLY A 127 21.02 -11.78 -6.78
N ASP A 128 20.14 -10.85 -7.13
CA ASP A 128 20.49 -9.43 -7.08
C ASP A 128 20.09 -8.86 -5.71
N GLU A 129 21.05 -8.82 -4.80
CA GLU A 129 20.77 -8.38 -3.45
C GLU A 129 20.51 -6.88 -3.36
N ASP A 130 21.01 -6.10 -4.32
CA ASP A 130 20.70 -4.67 -4.39
C ASP A 130 19.24 -4.48 -4.80
N ALA A 131 18.76 -5.26 -5.75
CA ALA A 131 17.36 -5.20 -6.14
C ALA A 131 16.44 -5.62 -5.00
N LEU A 132 16.84 -6.64 -4.25
CA LEU A 132 16.06 -7.04 -3.09
C LEU A 132 16.07 -5.93 -2.03
N LYS A 133 17.21 -5.29 -1.81
CA LYS A 133 17.27 -4.18 -0.86
C LYS A 133 16.30 -3.07 -1.23
N GLU A 134 16.32 -2.69 -2.50
CA GLU A 134 15.43 -1.65 -2.98
C GLU A 134 13.97 -2.03 -2.82
N ALA A 135 13.61 -3.28 -3.15
CA ALA A 135 12.23 -3.72 -3.02
C ALA A 135 11.79 -3.73 -1.56
N VAL A 136 12.64 -4.27 -0.68
CA VAL A 136 12.31 -4.29 0.74
C VAL A 136 12.15 -2.87 1.27
N ALA A 137 13.01 -1.97 0.85
CA ALA A 137 12.95 -0.59 1.34
C ALA A 137 11.71 0.15 0.88
N THR A 138 11.28 -0.10 -0.35
CA THR A 138 10.29 0.76 -0.99
C THR A 138 8.95 0.10 -1.23
N LYS A 139 8.91 -1.21 -1.39
CA LYS A 139 7.67 -1.91 -1.71
C LYS A 139 7.00 -2.54 -0.50
N GLY A 140 7.79 -3.24 0.32
CA GLY A 140 7.27 -3.95 1.48
C GLY A 140 7.97 -5.27 1.65
N PRO A 141 7.45 -6.14 2.53
CA PRO A 141 8.03 -7.46 2.70
C PRO A 141 8.02 -8.27 1.39
N VAL A 142 9.05 -9.09 1.19
CA VAL A 142 9.25 -9.79 -0.06
C VAL A 142 9.38 -11.29 0.23
N SER A 143 8.65 -12.10 -0.52
CA SER A 143 8.78 -13.54 -0.43
C SER A 143 10.08 -14.01 -1.08
N VAL A 144 10.79 -14.92 -0.43
CA VAL A 144 12.04 -15.45 -0.95
C VAL A 144 12.17 -16.92 -0.64
N GLY A 145 12.99 -17.59 -1.45
CA GLY A 145 13.45 -18.93 -1.16
C GLY A 145 14.85 -18.94 -0.56
N ILE A 146 15.09 -19.83 0.39
CA ILE A 146 16.41 -20.00 0.97
C ILE A 146 16.74 -21.48 1.10
N ASP A 147 18.04 -21.76 1.19
CA ASP A 147 18.51 -23.04 1.66
C ASP A 147 18.48 -23.02 3.18
N ALA A 148 17.46 -23.68 3.73
CA ALA A 148 17.27 -23.80 5.18
C ALA A 148 17.42 -25.25 5.63
N SER A 149 18.32 -25.98 4.98
CA SER A 149 18.45 -27.40 5.21
C SER A 149 19.57 -27.78 6.16
N HIS A 150 20.33 -26.80 6.65
CA HIS A 150 21.47 -27.09 7.54
C HIS A 150 21.10 -26.90 9.00
N SER A 151 21.56 -27.81 9.83
CA SER A 151 21.13 -27.82 11.23
C SER A 151 21.41 -26.49 11.94
N SER A 152 22.51 -25.83 11.56
CA SER A 152 22.88 -24.51 12.08
C SER A 152 21.75 -23.48 11.98
N PHE A 153 20.88 -23.63 10.98
CA PHE A 153 19.75 -22.73 10.78
C PHE A 153 18.82 -22.77 11.99
N PHE A 154 18.58 -23.98 12.51
CA PHE A 154 17.74 -24.20 13.69
C PHE A 154 18.49 -23.98 15.02
N PHE A 155 19.83 -23.83 14.98
CA PHE A 155 20.63 -23.47 16.15
C PHE A 155 20.65 -21.95 16.36
N TYR A 156 20.38 -21.19 15.32
CA TYR A 156 20.47 -19.73 15.39
C TYR A 156 19.63 -19.16 16.51
N LYS A 157 20.21 -18.26 17.32
CA LYS A 157 19.46 -17.51 18.33
C LYS A 157 19.64 -16.00 18.25
N SER A 158 20.81 -15.55 17.81
CA SER A 158 21.14 -14.12 17.76
C SER A 158 22.31 -13.90 16.81
N GLY A 159 22.59 -12.65 16.47
CA GLY A 159 23.68 -12.34 15.55
C GLY A 159 23.20 -12.49 14.12
N VAL A 160 24.14 -12.82 13.24
CA VAL A 160 23.85 -12.97 11.82
C VAL A 160 24.26 -14.38 11.38
N TYR A 161 23.28 -15.11 10.87
CA TYR A 161 23.48 -16.45 10.35
C TYR A 161 24.32 -16.40 9.07
N ASP A 162 25.45 -17.09 9.11
CA ASP A 162 26.42 -17.09 8.03
C ASP A 162 27.17 -18.41 8.10
N ASP A 163 26.56 -19.44 7.52
CA ASP A 163 27.08 -20.80 7.53
C ASP A 163 27.76 -21.10 6.20
N PRO A 164 29.07 -21.39 6.22
CA PRO A 164 29.76 -21.69 4.96
C PRO A 164 29.21 -22.91 4.21
N SER A 165 28.49 -23.78 4.91
CA SER A 165 27.87 -24.95 4.27
C SER A 165 26.59 -24.62 3.52
N CYS A 166 26.06 -23.42 3.67
CA CYS A 166 24.87 -23.05 2.93
C CYS A 166 25.17 -23.05 1.44
N THR A 167 24.15 -23.31 0.64
CA THR A 167 24.26 -23.35 -0.82
C THR A 167 23.19 -22.45 -1.42
N GLY A 168 23.27 -22.26 -2.73
CA GLY A 168 22.24 -21.58 -3.51
C GLY A 168 21.07 -22.45 -3.91
N ASN A 169 21.08 -23.70 -3.46
CA ASN A 169 20.01 -24.62 -3.77
C ASN A 169 18.93 -24.51 -2.72
N VAL A 170 17.93 -23.71 -3.03
CA VAL A 170 16.94 -23.33 -2.04
C VAL A 170 15.89 -24.44 -1.85
N ASN A 171 15.24 -24.41 -0.70
CA ASN A 171 14.28 -25.44 -0.34
C ASN A 171 13.16 -24.97 0.58
N HIS A 172 13.15 -23.71 1.06
CA HIS A 172 12.09 -23.23 1.93
C HIS A 172 11.75 -21.80 1.60
N GLY A 173 10.45 -21.50 1.57
CA GLY A 173 9.97 -20.15 1.37
C GLY A 173 9.80 -19.46 2.71
N VAL A 174 10.29 -18.22 2.77
CA VAL A 174 10.25 -17.37 3.96
C VAL A 174 9.97 -15.93 3.52
N LEU A 175 9.95 -15.00 4.47
CA LEU A 175 9.58 -13.63 4.17
C LEU A 175 10.65 -12.67 4.65
N VAL A 176 11.18 -11.85 3.75
CA VAL A 176 12.13 -10.83 4.17
C VAL A 176 11.34 -9.59 4.57
N VAL A 177 11.46 -9.20 5.84
CA VAL A 177 10.72 -8.06 6.38
C VAL A 177 11.63 -6.90 6.74
N GLY A 178 12.91 -6.97 6.43
CA GLY A 178 13.80 -5.86 6.66
C GLY A 178 15.22 -6.24 6.38
N TYR A 179 16.12 -5.33 6.75
CA TYR A 179 17.55 -5.51 6.57
C TYR A 179 18.29 -4.51 7.45
N GLY A 180 19.58 -4.71 7.62
CA GLY A 180 20.40 -3.77 8.39
C GLY A 180 21.83 -4.24 8.44
N THR A 181 22.57 -3.73 9.41
CA THR A 181 23.93 -4.14 9.68
C THR A 181 24.04 -4.27 11.20
N LEU A 182 24.43 -5.46 11.65
CA LEU A 182 24.53 -5.77 13.06
C LEU A 182 25.97 -6.07 13.37
N ASP A 183 26.58 -5.24 14.22
CA ASP A 183 27.98 -5.41 14.58
C ASP A 183 28.87 -5.58 13.36
N GLY A 184 28.62 -4.76 12.33
CA GLY A 184 29.46 -4.74 11.14
C GLY A 184 29.13 -5.77 10.08
N LYS A 185 28.08 -6.56 10.31
N LYS A 185 28.07 -6.56 10.29
CA LYS A 185 27.67 -7.62 9.37
CA LYS A 185 27.69 -7.61 9.37
C LYS A 185 26.30 -7.30 8.79
C LYS A 185 26.31 -7.32 8.80
N ASP A 186 26.25 -7.12 7.48
CA ASP A 186 24.99 -6.88 6.79
C ASP A 186 24.09 -8.11 6.92
N TYR A 187 22.80 -7.87 7.13
CA TYR A 187 21.83 -8.95 7.24
C TYR A 187 20.52 -8.62 6.56
N TRP A 188 19.78 -9.70 6.29
CA TRP A 188 18.37 -9.71 5.92
C TRP A 188 17.58 -10.19 7.14
N LEU A 189 16.49 -9.48 7.45
CA LEU A 189 15.61 -9.86 8.55
C LEU A 189 14.51 -10.75 7.99
N VAL A 190 14.49 -12.00 8.44
CA VAL A 190 13.64 -13.02 7.86
C VAL A 190 12.62 -13.54 8.88
N LYS A 191 11.35 -13.49 8.49
CA LYS A 191 10.25 -14.09 9.23
C LYS A 191 10.06 -15.52 8.74
N ASN A 192 10.16 -16.49 9.65
CA ASN A 192 9.84 -17.88 9.31
C ASN A 192 8.41 -18.24 9.77
N SER A 193 8.05 -19.51 9.62
CA SER A 193 6.76 -20.04 9.98
C SER A 193 6.92 -21.31 10.83
N TRP A 194 7.86 -21.24 11.77
CA TRP A 194 8.10 -22.32 12.74
C TRP A 194 7.73 -21.90 14.14
N GLY A 195 6.88 -20.88 14.26
CA GLY A 195 6.44 -20.42 15.57
C GLY A 195 7.48 -19.58 16.28
N LEU A 196 7.12 -19.16 17.48
CA LEU A 196 7.96 -18.29 18.30
C LEU A 196 9.25 -18.94 18.75
N ASN A 197 9.26 -20.25 18.92
CA ASN A 197 10.41 -20.91 19.49
C ASN A 197 11.60 -20.96 18.51
N PHE A 198 11.36 -20.74 17.22
CA PHE A 198 12.42 -20.71 16.22
C PHE A 198 13.23 -19.41 16.29
N GLY A 199 14.55 -19.48 16.14
CA GLY A 199 15.38 -18.28 16.02
C GLY A 199 15.22 -17.27 17.16
N ASP A 200 15.04 -16.00 16.77
CA ASP A 200 14.85 -14.90 17.69
C ASP A 200 13.36 -14.53 17.58
N GLN A 201 12.55 -15.17 18.41
CA GLN A 201 11.10 -14.97 18.43
C GLN A 201 10.45 -15.21 17.05
N GLY A 202 10.99 -16.18 16.33
CA GLY A 202 10.44 -16.63 15.05
C GLY A 202 11.13 -16.04 13.83
N TYR A 203 12.12 -15.19 14.09
CA TYR A 203 12.89 -14.50 13.06
C TYR A 203 14.35 -14.94 13.05
N ILE A 204 14.98 -14.79 11.89
CA ILE A 204 16.43 -15.03 11.77
C ILE A 204 17.03 -13.90 10.95
N ARG A 205 18.22 -13.44 11.34
CA ARG A 205 18.98 -12.49 10.54
C ARG A 205 19.98 -13.30 9.74
N MET A 206 19.90 -13.19 8.42
CA MET A 206 20.72 -13.99 7.50
C MET A 206 21.70 -13.08 6.75
N ALA A 207 22.91 -13.57 6.51
CA ALA A 207 23.95 -12.77 5.89
C ALA A 207 23.46 -12.14 4.56
N ARG A 208 23.73 -10.85 4.44
CA ARG A 208 23.37 -10.04 3.29
C ARG A 208 24.67 -9.54 2.64
N ASN A 209 24.64 -9.44 1.31
CA ASN A 209 25.78 -9.01 0.49
C ASN A 209 26.96 -9.98 0.54
N ASN A 210 26.71 -11.22 0.96
CA ASN A 210 27.73 -12.25 0.99
C ASN A 210 27.47 -13.28 -0.10
N LYS A 211 27.58 -12.83 -1.35
CA LYS A 211 27.50 -13.72 -2.50
C LYS A 211 26.17 -14.50 -2.54
N ASN A 212 25.06 -13.82 -2.27
CA ASN A 212 23.76 -14.44 -2.33
C ASN A 212 23.70 -15.66 -1.42
N HIS A 213 24.03 -15.44 -0.15
CA HIS A 213 24.18 -16.52 0.79
C HIS A 213 22.86 -17.25 1.02
N CYS A 214 22.93 -18.58 0.98
CA CYS A 214 21.74 -19.44 1.11
C CYS A 214 20.74 -19.23 -0.01
N GLY A 215 21.14 -18.59 -1.11
CA GLY A 215 20.23 -18.34 -2.22
C GLY A 215 19.15 -17.33 -1.94
N ILE A 216 19.33 -16.47 -0.94
CA ILE A 216 18.23 -15.64 -0.44
C ILE A 216 17.67 -14.68 -1.49
N ALA A 217 18.49 -14.23 -2.45
CA ALA A 217 18.00 -13.33 -3.47
C ALA A 217 17.75 -14.04 -4.81
N SER A 218 17.72 -15.36 -4.80
CA SER A 218 17.55 -16.11 -6.05
C SER A 218 16.14 -16.04 -6.64
N TYR A 219 15.14 -16.20 -5.78
CA TYR A 219 13.74 -16.35 -6.21
C TYR A 219 12.86 -15.47 -5.34
N CYS A 220 12.98 -14.17 -5.56
CA CYS A 220 12.26 -13.18 -4.79
C CYS A 220 11.05 -12.69 -5.55
N SER A 221 9.91 -12.57 -4.86
CA SER A 221 8.72 -12.06 -5.47
C SER A 221 7.85 -11.34 -4.45
N TYR A 222 6.99 -10.48 -4.95
CA TYR A 222 5.99 -9.85 -4.11
C TYR A 222 4.74 -9.61 -4.92
N PRO A 223 3.58 -9.60 -4.25
CA PRO A 223 2.31 -9.37 -4.91
C PRO A 223 1.95 -7.89 -4.93
N GLU A 224 1.10 -7.52 -5.87
CA GLU A 224 0.40 -6.25 -5.85
C GLU A 224 -1.07 -6.52 -5.61
N ILE A 225 -1.64 -5.72 -4.73
CA ILE A 225 -3.05 -5.58 -4.60
C ILE A 225 -3.43 -4.62 -5.74
N THR B 7 -29.08 26.21 -11.62
CA THR B 7 -29.18 24.73 -11.80
C THR B 7 -27.79 24.15 -12.10
N LEU B 8 -27.40 23.16 -11.30
CA LEU B 8 -26.10 22.54 -11.44
C LEU B 8 -26.11 21.53 -12.57
N PRO B 9 -24.96 21.38 -13.25
CA PRO B 9 -24.85 20.35 -14.27
C PRO B 9 -25.06 18.95 -13.69
N ASP B 10 -25.63 18.07 -14.48
CA ASP B 10 -25.81 16.70 -14.06
C ASP B 10 -24.49 15.93 -13.95
N THR B 11 -23.51 16.31 -14.77
CA THR B 11 -22.22 15.63 -14.86
C THR B 11 -21.11 16.64 -14.89
N VAL B 12 -20.05 16.37 -14.15
CA VAL B 12 -18.86 17.20 -14.11
C VAL B 12 -17.64 16.29 -14.15
N ASP B 13 -16.62 16.71 -14.90
CA ASP B 13 -15.34 16.02 -14.93
C ASP B 13 -14.27 17.06 -15.23
N TRP B 14 -13.57 17.48 -14.19
CA TRP B 14 -12.55 18.52 -14.33
C TRP B 14 -11.38 18.14 -15.22
N ARG B 15 -11.20 16.86 -15.48
CA ARG B 15 -10.20 16.45 -16.48
C ARG B 15 -10.51 17.04 -17.83
N GLU B 16 -11.79 17.16 -18.17
CA GLU B 16 -12.19 17.69 -19.47
C GLU B 16 -11.80 19.15 -19.64
N LYS B 17 -11.58 19.85 -18.54
CA LYS B 17 -11.15 21.24 -18.52
C LYS B 17 -9.65 21.40 -18.28
N GLY B 18 -8.92 20.28 -18.26
CA GLY B 18 -7.50 20.36 -18.17
C GLY B 18 -7.01 20.74 -16.79
N CYS B 19 -7.82 20.49 -15.75
CA CYS B 19 -7.54 20.95 -14.39
C CYS B 19 -7.00 19.88 -13.44
N VAL B 20 -6.70 18.71 -13.97
CA VAL B 20 -6.27 17.58 -13.17
C VAL B 20 -4.96 17.03 -13.73
N THR B 21 -3.93 16.98 -12.88
CA THR B 21 -2.63 16.48 -13.28
C THR B 21 -2.62 14.95 -13.35
N GLU B 22 -1.53 14.41 -13.87
CA GLU B 22 -1.41 12.98 -13.95
C GLU B 22 -1.55 12.34 -12.56
N VAL B 23 -2.04 11.13 -12.57
CA VAL B 23 -2.17 10.32 -11.36
C VAL B 23 -0.78 10.00 -10.84
N LYS B 24 -0.57 10.23 -9.55
CA LYS B 24 0.67 9.96 -8.88
C LYS B 24 0.63 8.63 -8.13
N TYR B 25 1.80 8.18 -7.70
CA TYR B 25 1.98 6.92 -7.00
C TYR B 25 2.68 7.19 -5.67
N GLN B 26 1.96 7.01 -4.57
CA GLN B 26 2.49 7.37 -3.26
C GLN B 26 3.50 6.36 -2.71
N GLY B 27 3.50 5.15 -3.24
CA GLY B 27 4.42 4.13 -2.74
C GLY B 27 4.06 3.74 -1.33
N SER B 28 5.08 3.45 -0.52
N SER B 28 5.07 3.43 -0.51
CA SER B 28 4.89 2.99 0.86
CA SER B 28 4.81 2.98 0.85
C SER B 28 4.98 4.14 1.88
C SER B 28 4.76 4.13 1.87
N CYS B 29 4.86 5.37 1.40
CA CYS B 29 4.77 6.55 2.25
C CYS B 29 3.31 6.98 2.33
N GLY B 30 2.84 7.25 3.56
CA GLY B 30 1.44 7.61 3.80
C GLY B 30 1.16 9.06 3.50
N ALA B 31 1.30 9.42 2.23
CA ALA B 31 1.23 10.80 1.76
C ALA B 31 -0.07 11.08 1.01
N CYS B 32 -1.08 10.23 1.15
CA CYS B 32 -2.35 10.43 0.44
C CYS B 32 -2.89 11.85 0.65
N TRP B 33 -2.82 12.33 1.88
CA TRP B 33 -3.28 13.67 2.27
C TRP B 33 -2.57 14.77 1.50
N ALA B 34 -1.27 14.57 1.27
CA ALA B 34 -0.44 15.54 0.57
C ALA B 34 -0.80 15.55 -0.92
N PHE B 35 -1.01 14.37 -1.51
CA PHE B 35 -1.49 14.31 -2.87
C PHE B 35 -2.89 14.91 -3.04
N SER B 36 -3.78 14.64 -2.10
CA SER B 36 -5.10 15.23 -2.16
C SER B 36 -5.01 16.76 -2.15
N ALA B 37 -4.22 17.29 -1.21
CA ALA B 37 -4.11 18.74 -1.06
C ALA B 37 -3.49 19.38 -2.29
N VAL B 38 -2.36 18.85 -2.78
CA VAL B 38 -1.78 19.47 -4.00
C VAL B 38 -2.73 19.33 -5.18
N GLY B 39 -3.46 18.22 -5.26
CA GLY B 39 -4.39 18.09 -6.37
C GLY B 39 -5.45 19.18 -6.38
N ALA B 40 -5.99 19.49 -5.22
CA ALA B 40 -6.98 20.57 -5.14
C ALA B 40 -6.33 21.90 -5.54
N LEU B 41 -5.11 22.17 -5.08
CA LEU B 41 -4.47 23.43 -5.41
C LEU B 41 -4.07 23.50 -6.89
N GLU B 42 -3.66 22.38 -7.48
CA GLU B 42 -3.36 22.28 -8.90
C GLU B 42 -4.54 22.71 -9.74
N GLY B 43 -5.74 22.30 -9.32
CA GLY B 43 -6.94 22.68 -10.03
C GLY B 43 -7.15 24.18 -10.01
N GLN B 44 -6.98 24.78 -8.84
CA GLN B 44 -7.13 26.23 -8.71
C GLN B 44 -6.07 26.94 -9.53
N LEU B 45 -4.85 26.42 -9.53
CA LEU B 45 -3.79 27.07 -10.28
C LEU B 45 -4.04 27.06 -11.78
N LYS B 46 -4.56 25.95 -12.31
CA LYS B 46 -4.92 25.90 -13.72
C LYS B 46 -6.04 26.85 -14.05
N LEU B 47 -7.05 26.91 -13.19
CA LEU B 47 -8.19 27.80 -13.42
C LEU B 47 -7.77 29.23 -13.50
N LYS B 48 -6.72 29.60 -12.76
CA LYS B 48 -6.25 30.97 -12.76
C LYS B 48 -5.28 31.29 -13.89
N THR B 49 -4.22 30.49 -14.05
CA THR B 49 -3.16 30.76 -15.01
C THR B 49 -3.37 30.18 -16.39
N GLY B 50 -4.18 29.13 -16.47
CA GLY B 50 -4.30 28.34 -17.68
C GLY B 50 -3.25 27.27 -17.88
N LYS B 51 -2.32 27.13 -16.92
CA LYS B 51 -1.26 26.12 -17.00
C LYS B 51 -1.51 25.00 -16.00
N LEU B 52 -1.27 23.77 -16.43
CA LEU B 52 -1.40 22.62 -15.56
C LEU B 52 -0.02 22.18 -15.08
N ILE B 53 0.20 22.27 -13.76
CA ILE B 53 1.49 22.04 -13.15
C ILE B 53 1.32 21.16 -11.90
N SER B 54 2.04 20.06 -11.82
CA SER B 54 2.02 19.25 -10.61
C SER B 54 2.76 19.95 -9.49
N LEU B 55 2.14 20.04 -8.34
CA LEU B 55 2.73 20.71 -7.20
C LEU B 55 3.35 19.69 -6.25
N SER B 56 4.18 20.17 -5.33
CA SER B 56 5.05 19.27 -4.58
C SER B 56 4.40 18.65 -3.34
N ALA B 57 3.92 17.43 -3.47
CA ALA B 57 3.49 16.68 -2.31
C ALA B 57 4.63 16.51 -1.30
N GLN B 58 5.85 16.37 -1.78
CA GLN B 58 6.99 16.16 -0.89
C GLN B 58 7.27 17.38 0.00
N ASN B 59 7.06 18.57 -0.54
CA ASN B 59 7.21 19.81 0.21
C ASN B 59 6.28 19.79 1.41
N LEU B 60 5.05 19.30 1.22
CA LEU B 60 4.12 19.16 2.33
C LEU B 60 4.60 18.09 3.33
N VAL B 61 5.01 16.93 2.81
CA VAL B 61 5.47 15.84 3.67
C VAL B 61 6.63 16.29 4.58
N ASP B 62 7.63 16.93 3.98
CA ASP B 62 8.85 17.29 4.70
C ASP B 62 8.69 18.46 5.67
N CYS B 63 7.78 19.38 5.34
CA CYS B 63 7.81 20.72 5.95
C CYS B 63 6.65 21.03 6.89
N SER B 64 5.66 20.14 6.95
CA SER B 64 4.52 20.34 7.85
C SER B 64 4.44 19.28 8.95
N ASN B 65 5.55 18.55 9.16
CA ASN B 65 5.62 17.49 10.16
C ASN B 65 6.04 18.08 11.50
N GLU B 66 5.09 18.75 12.15
CA GLU B 66 5.33 19.40 13.44
C GLU B 66 3.99 19.68 14.13
N GLU B 67 4.06 19.87 15.44
CA GLU B 67 2.87 19.98 16.29
C GLU B 67 1.90 21.06 15.84
N LYS B 68 2.46 22.14 15.29
CA LYS B 68 1.68 23.27 14.76
C LYS B 68 0.58 22.84 13.79
N TYR B 69 0.90 21.84 12.96
CA TYR B 69 -0.01 21.33 11.94
C TYR B 69 -0.64 20.00 12.30
N GLY B 70 0.07 19.14 13.01
CA GLY B 70 -0.43 17.79 13.31
C GLY B 70 -0.34 16.82 12.15
N ASN B 71 0.37 17.21 11.10
CA ASN B 71 0.73 16.30 10.03
C ASN B 71 1.95 15.50 10.45
N LYS B 72 2.05 14.30 9.89
CA LYS B 72 3.04 13.31 10.31
C LYS B 72 3.87 12.78 9.15
N GLY B 73 3.96 13.55 8.07
CA GLY B 73 4.75 13.15 6.92
C GLY B 73 4.22 11.86 6.31
N CYS B 74 5.10 10.88 6.16
CA CYS B 74 4.72 9.56 5.66
C CYS B 74 3.85 8.76 6.62
N GLY B 75 3.62 9.29 7.82
CA GLY B 75 2.72 8.68 8.78
C GLY B 75 1.29 9.16 8.69
N GLY B 76 1.00 10.05 7.73
CA GLY B 76 -0.36 10.55 7.53
C GLY B 76 -0.45 12.02 7.85
N GLY B 77 -1.60 12.61 7.53
CA GLY B 77 -1.81 14.02 7.73
C GLY B 77 -3.15 14.48 7.22
N TYR B 78 -3.34 15.79 7.25
CA TYR B 78 -4.63 16.42 6.98
C TYR B 78 -4.50 17.43 5.85
N MET B 79 -5.45 17.39 4.92
CA MET B 79 -5.47 18.31 3.80
C MET B 79 -5.65 19.76 4.26
N THR B 80 -6.51 19.99 5.25
CA THR B 80 -6.72 21.34 5.77
C THR B 80 -5.42 21.92 6.33
N GLU B 81 -4.66 21.08 7.04
CA GLU B 81 -3.41 21.53 7.63
C GLU B 81 -2.32 21.70 6.58
N ALA B 82 -2.36 20.91 5.52
CA ALA B 82 -1.51 21.16 4.36
C ALA B 82 -1.79 22.55 3.80
N PHE B 83 -3.06 22.89 3.61
CA PHE B 83 -3.38 24.22 3.11
C PHE B 83 -2.89 25.29 4.09
N GLN B 84 -3.07 25.07 5.39
CA GLN B 84 -2.60 26.04 6.40
C GLN B 84 -1.09 26.23 6.32
N TYR B 85 -0.35 25.13 6.14
CA TYR B 85 1.09 25.26 5.96
C TYR B 85 1.41 26.14 4.76
N ILE B 86 0.72 25.93 3.64
CA ILE B 86 1.00 26.71 2.44
C ILE B 86 0.73 28.20 2.70
N ILE B 87 -0.38 28.49 3.38
CA ILE B 87 -0.71 29.87 3.76
C ILE B 87 0.41 30.46 4.64
N ASP B 88 0.74 29.74 5.71
CA ASP B 88 1.77 30.21 6.66
C ASP B 88 3.12 30.42 5.99
N ASN B 89 3.45 29.50 5.10
CA ASN B 89 4.76 29.44 4.48
C ASN B 89 4.93 30.45 3.35
N GLY B 90 3.82 30.96 2.85
CA GLY B 90 3.82 31.89 1.73
C GLY B 90 4.05 31.22 0.38
N GLY B 91 3.89 29.90 0.32
CA GLY B 91 4.03 29.22 -0.95
C GLY B 91 4.31 27.74 -0.88
N ILE B 92 4.33 27.13 -2.06
CA ILE B 92 4.67 25.74 -2.23
C ILE B 92 5.40 25.59 -3.57
N GLU B 93 6.39 24.71 -3.62
CA GLU B 93 7.11 24.45 -4.86
C GLU B 93 6.32 23.53 -5.78
N ALA B 94 6.68 23.55 -7.07
CA ALA B 94 6.24 22.55 -8.01
C ALA B 94 6.96 21.22 -7.75
N ASP B 95 6.31 20.13 -8.13
CA ASP B 95 6.92 18.81 -8.07
C ASP B 95 8.27 18.79 -8.79
N ALA B 96 8.39 19.52 -9.92
CA ALA B 96 9.60 19.45 -10.72
C ALA B 96 10.83 19.88 -9.94
N SER B 97 10.70 20.90 -9.09
CA SER B 97 11.83 21.38 -8.30
C SER B 97 11.95 20.76 -6.91
N TYR B 98 10.88 20.12 -6.44
CA TYR B 98 10.86 19.49 -5.12
C TYR B 98 10.17 18.15 -5.29
N PRO B 99 10.87 17.18 -5.87
CA PRO B 99 10.26 15.95 -6.34
C PRO B 99 9.90 14.97 -5.23
N TYR B 100 9.01 14.04 -5.56
CA TYR B 100 8.50 13.10 -4.58
C TYR B 100 9.47 11.94 -4.36
N LYS B 101 9.75 11.68 -3.09
CA LYS B 101 10.73 10.69 -2.67
C LYS B 101 10.13 9.54 -1.87
N ALA B 102 8.86 9.62 -1.48
CA ALA B 102 8.18 8.58 -0.72
C ALA B 102 8.95 8.24 0.56
N MET B 103 9.52 9.26 1.18
CA MET B 103 10.27 9.13 2.45
C MET B 103 10.16 10.47 3.18
N ASP B 104 10.33 10.46 4.50
CA ASP B 104 10.43 11.71 5.26
C ASP B 104 11.85 12.26 5.13
N GLU B 105 11.96 13.50 4.67
CA GLU B 105 13.26 14.17 4.56
C GLU B 105 13.20 15.53 5.24
N LYS B 106 14.38 16.10 5.53
CA LYS B 106 14.42 17.43 6.12
C LYS B 106 13.88 18.46 5.14
N CYS B 107 13.04 19.37 5.64
CA CYS B 107 12.48 20.42 4.80
C CYS B 107 13.57 21.19 4.08
N HIS B 108 13.42 21.36 2.78
CA HIS B 108 14.34 22.15 1.97
C HIS B 108 13.59 23.08 1.02
N TYR B 109 12.47 23.61 1.50
CA TYR B 109 11.69 24.59 0.75
C TYR B 109 12.56 25.81 0.38
N ASN B 110 12.47 26.20 -0.88
CA ASN B 110 13.18 27.36 -1.42
C ASN B 110 12.15 28.35 -1.96
N SER B 111 11.96 29.46 -1.25
CA SER B 111 10.95 30.45 -1.63
C SER B 111 11.17 31.01 -3.03
N LYS B 112 12.41 30.99 -3.52
CA LYS B 112 12.70 31.41 -4.90
C LYS B 112 12.03 30.51 -5.95
N ASN B 113 11.67 29.30 -5.56
CA ASN B 113 11.06 28.32 -6.47
C ASN B 113 9.55 28.14 -6.24
N ARG B 114 8.96 29.02 -5.43
CA ARG B 114 7.52 29.03 -5.18
C ARG B 114 6.75 28.95 -6.49
N ALA B 115 5.80 28.02 -6.60
CA ALA B 115 4.98 27.86 -7.83
C ALA B 115 3.51 28.17 -7.63
N ALA B 116 3.08 28.20 -6.38
CA ALA B 116 1.70 28.51 -6.02
C ALA B 116 1.66 29.03 -4.59
N THR B 117 0.57 29.71 -4.27
CA THR B 117 0.28 30.19 -2.93
C THR B 117 -1.13 29.74 -2.57
N CYS B 118 -1.46 29.92 -1.29
CA CYS B 118 -2.80 29.72 -0.80
C CYS B 118 -3.10 30.88 0.14
N SER B 119 -4.26 31.51 -0.05
CA SER B 119 -4.68 32.64 0.77
C SER B 119 -5.61 32.22 1.89
N ARG B 120 -6.40 31.18 1.64
CA ARG B 120 -7.37 30.66 2.58
C ARG B 120 -7.84 29.32 2.07
N TYR B 121 -8.54 28.59 2.91
CA TYR B 121 -9.22 27.37 2.46
C TYR B 121 -10.64 27.35 3.03
N ILE B 122 -11.49 26.57 2.39
CA ILE B 122 -12.91 26.47 2.68
C ILE B 122 -13.22 25.06 3.12
N GLN B 123 -14.02 24.91 4.18
CA GLN B 123 -14.49 23.62 4.65
C GLN B 123 -15.99 23.55 4.43
N LEU B 124 -16.46 22.48 3.80
CA LEU B 124 -17.87 22.32 3.50
C LEU B 124 -18.58 21.69 4.71
N PRO B 125 -19.92 21.86 4.80
CA PRO B 125 -20.66 21.26 5.91
C PRO B 125 -20.49 19.74 6.01
N PHE B 126 -20.40 19.24 7.23
CA PHE B 126 -20.22 17.82 7.48
C PHE B 126 -21.33 16.98 6.87
N GLY B 127 -20.94 16.04 6.02
CA GLY B 127 -21.85 15.05 5.50
C GLY B 127 -22.78 15.51 4.40
N ASP B 128 -22.59 16.74 3.92
CA ASP B 128 -23.55 17.38 3.03
C ASP B 128 -23.14 17.15 1.57
N GLU B 129 -23.73 16.13 0.97
CA GLU B 129 -23.41 15.76 -0.41
C GLU B 129 -23.92 16.78 -1.42
N ASP B 130 -24.96 17.55 -1.10
CA ASP B 130 -25.41 18.62 -1.98
C ASP B 130 -24.39 19.76 -2.00
N ALA B 131 -23.83 20.09 -0.85
CA ALA B 131 -22.79 21.11 -0.77
C ALA B 131 -21.54 20.68 -1.54
N LEU B 132 -21.19 19.42 -1.41
CA LEU B 132 -20.06 18.89 -2.18
C LEU B 132 -20.32 19.00 -3.69
N LYS B 133 -21.53 18.64 -4.11
CA LYS B 133 -21.88 18.74 -5.51
C LYS B 133 -21.74 20.17 -6.02
N GLU B 134 -22.26 21.13 -5.27
CA GLU B 134 -22.14 22.52 -5.65
C GLU B 134 -20.68 22.97 -5.74
N ALA B 135 -19.87 22.58 -4.77
CA ALA B 135 -18.46 22.99 -4.77
C ALA B 135 -17.71 22.37 -5.95
N VAL B 136 -17.93 21.09 -6.21
CA VAL B 136 -17.28 20.45 -7.33
C VAL B 136 -17.73 21.11 -8.65
N ALA B 137 -19.01 21.42 -8.79
CA ALA B 137 -19.49 22.03 -10.01
C ALA B 137 -18.93 23.41 -10.25
N THR B 138 -18.83 24.20 -9.19
CA THR B 138 -18.60 25.63 -9.34
C THR B 138 -17.21 26.10 -8.95
N LYS B 139 -16.52 25.37 -8.09
CA LYS B 139 -15.21 25.80 -7.55
C LYS B 139 -14.05 25.07 -8.18
N GLY B 140 -14.15 23.75 -8.26
CA GLY B 140 -13.06 22.92 -8.78
C GLY B 140 -12.98 21.62 -8.03
N PRO B 141 -11.92 20.86 -8.25
CA PRO B 141 -11.68 19.65 -7.48
C PRO B 141 -11.63 19.94 -5.97
N VAL B 142 -12.14 19.00 -5.19
CA VAL B 142 -12.29 19.17 -3.74
C VAL B 142 -11.58 18.02 -3.03
N SER B 143 -10.78 18.36 -2.02
CA SER B 143 -10.14 17.36 -1.19
C SER B 143 -11.15 16.75 -0.21
N VAL B 144 -11.13 15.43 -0.06
CA VAL B 144 -12.08 14.73 0.82
C VAL B 144 -11.37 13.58 1.51
N GLY B 145 -11.92 13.20 2.66
CA GLY B 145 -11.57 11.95 3.33
C GLY B 145 -12.58 10.86 3.06
N ILE B 146 -12.11 9.64 2.88
CA ILE B 146 -12.96 8.48 2.71
C ILE B 146 -12.49 7.30 3.55
N ASP B 147 -13.41 6.39 3.83
CA ASP B 147 -13.06 5.07 4.32
C ASP B 147 -12.67 4.23 3.11
N ALA B 148 -11.35 4.07 2.93
CA ALA B 148 -10.78 3.29 1.84
C ALA B 148 -10.09 2.07 2.40
N SER B 149 -10.63 1.50 3.47
CA SER B 149 -9.97 0.42 4.17
C SER B 149 -10.47 -0.97 3.84
N HIS B 150 -11.43 -1.09 2.92
CA HIS B 150 -12.03 -2.38 2.62
C HIS B 150 -11.49 -2.94 1.33
N SER B 151 -11.27 -4.25 1.29
CA SER B 151 -10.60 -4.91 0.18
C SER B 151 -11.26 -4.68 -1.18
N SER B 152 -12.59 -4.59 -1.21
N SER B 152 -12.60 -4.58 -1.23
CA SER B 152 -13.28 -4.37 -2.48
CA SER B 152 -13.27 -4.36 -2.50
C SER B 152 -12.90 -3.03 -3.14
C SER B 152 -12.91 -3.02 -3.15
N PHE B 153 -12.46 -2.06 -2.34
CA PHE B 153 -11.99 -0.76 -2.88
C PHE B 153 -10.85 -0.96 -3.88
N PHE B 154 -9.97 -1.91 -3.58
CA PHE B 154 -8.83 -2.24 -4.43
C PHE B 154 -9.12 -3.28 -5.51
N PHE B 155 -10.34 -3.79 -5.56
CA PHE B 155 -10.78 -4.67 -6.64
C PHE B 155 -11.58 -3.93 -7.71
N TYR B 156 -11.96 -2.68 -7.42
CA TYR B 156 -12.75 -1.88 -8.35
C TYR B 156 -12.08 -1.73 -9.70
N LYS B 157 -12.82 -1.96 -10.78
CA LYS B 157 -12.35 -1.69 -12.14
C LYS B 157 -13.25 -0.77 -12.95
N SER B 158 -14.57 -0.85 -12.71
CA SER B 158 -15.51 -0.04 -13.46
C SER B 158 -16.83 -0.04 -12.71
N GLY B 159 -17.78 0.76 -13.21
CA GLY B 159 -19.06 0.89 -12.53
C GLY B 159 -18.95 1.83 -11.33
N VAL B 160 -19.77 1.61 -10.30
CA VAL B 160 -19.81 2.49 -9.13
C VAL B 160 -19.58 1.66 -7.88
N TYR B 161 -18.55 2.02 -7.14
CA TYR B 161 -18.20 1.37 -5.89
C TYR B 161 -19.24 1.68 -4.81
N ASP B 162 -19.86 0.64 -4.29
CA ASP B 162 -20.93 0.75 -3.32
C ASP B 162 -20.82 -0.51 -2.47
N ASP B 163 -20.12 -0.37 -1.36
CA ASP B 163 -19.69 -1.49 -0.55
C ASP B 163 -20.42 -1.45 0.76
N PRO B 164 -21.26 -2.46 1.06
CA PRO B 164 -21.91 -2.49 2.37
C PRO B 164 -20.96 -2.50 3.58
N SER B 165 -19.73 -2.96 3.40
N SER B 165 -19.72 -2.94 3.41
CA SER B 165 -18.72 -2.94 4.46
CA SER B 165 -18.76 -2.92 4.50
C SER B 165 -18.19 -1.52 4.77
C SER B 165 -18.12 -1.54 4.73
N CYS B 166 -18.43 -0.56 3.88
CA CYS B 166 -17.90 0.79 4.09
C CYS B 166 -18.52 1.40 5.34
N THR B 167 -17.76 2.25 6.02
CA THR B 167 -18.20 2.95 7.21
C THR B 167 -18.06 4.45 7.00
N GLY B 168 -18.55 5.20 7.97
CA GLY B 168 -18.37 6.62 8.01
C GLY B 168 -17.09 7.11 8.67
N ASN B 169 -16.22 6.18 9.05
CA ASN B 169 -14.97 6.50 9.73
C ASN B 169 -13.85 6.51 8.71
N VAL B 170 -13.46 7.71 8.31
CA VAL B 170 -12.58 7.88 7.16
C VAL B 170 -11.12 7.65 7.56
N ASN B 171 -10.31 7.36 6.55
CA ASN B 171 -8.90 7.03 6.79
C ASN B 171 -7.94 7.38 5.67
N HIS B 172 -8.42 7.86 4.52
CA HIS B 172 -7.54 8.26 3.41
C HIS B 172 -8.05 9.50 2.74
N GLY B 173 -7.13 10.40 2.43
CA GLY B 173 -7.45 11.59 1.65
C GLY B 173 -7.32 11.32 0.17
N VAL B 174 -8.29 11.82 -0.59
CA VAL B 174 -8.38 11.67 -2.04
C VAL B 174 -8.95 12.96 -2.63
N LEU B 175 -9.15 12.99 -3.94
CA LEU B 175 -9.58 14.21 -4.61
C LEU B 175 -10.81 13.95 -5.42
N VAL B 176 -11.89 14.68 -5.16
CA VAL B 176 -13.09 14.56 -5.99
C VAL B 176 -12.95 15.51 -7.17
N VAL B 177 -12.93 14.94 -8.37
CA VAL B 177 -12.71 15.73 -9.59
C VAL B 177 -13.95 15.78 -10.47
N GLY B 178 -15.07 15.22 -10.02
CA GLY B 178 -16.28 15.24 -10.79
C GLY B 178 -17.38 14.41 -10.16
N TYR B 179 -18.48 14.27 -10.89
CA TYR B 179 -19.62 13.49 -10.45
C TYR B 179 -20.49 13.22 -11.67
N GLY B 180 -21.42 12.30 -11.51
CA GLY B 180 -22.38 12.01 -12.56
C GLY B 180 -23.30 10.89 -12.13
N THR B 181 -23.91 10.24 -13.10
CA THR B 181 -24.77 9.09 -12.87
C THR B 181 -24.40 8.06 -13.94
N LEU B 182 -24.07 6.85 -13.52
CA LEU B 182 -23.63 5.80 -14.43
C LEU B 182 -24.61 4.64 -14.29
N ASP B 183 -25.30 4.30 -15.36
CA ASP B 183 -26.26 3.21 -15.35
C ASP B 183 -27.26 3.37 -14.19
N GLY B 184 -27.69 4.60 -13.98
CA GLY B 184 -28.68 4.89 -12.97
C GLY B 184 -28.18 5.04 -11.55
N LYS B 185 -26.88 5.01 -11.35
CA LYS B 185 -26.31 5.12 -10.01
C LYS B 185 -25.47 6.40 -9.93
N ASP B 186 -25.85 7.30 -9.04
CA ASP B 186 -25.08 8.52 -8.84
C ASP B 186 -23.69 8.17 -8.29
N TYR B 187 -22.68 8.91 -8.76
CA TYR B 187 -21.30 8.69 -8.29
C TYR B 187 -20.55 10.00 -8.14
N TRP B 188 -19.49 9.90 -7.33
CA TRP B 188 -18.39 10.84 -7.22
C TRP B 188 -17.21 10.29 -8.00
N LEU B 189 -16.56 11.13 -8.81
CA LEU B 189 -15.36 10.74 -9.54
C LEU B 189 -14.15 11.12 -8.70
N VAL B 190 -13.41 10.11 -8.27
CA VAL B 190 -12.34 10.26 -7.29
C VAL B 190 -10.98 9.92 -7.90
N LYS B 191 -10.05 10.84 -7.79
CA LYS B 191 -8.65 10.62 -8.14
C LYS B 191 -7.90 10.13 -6.92
N ASN B 192 -7.27 8.97 -7.03
CA ASN B 192 -6.39 8.46 -5.97
C ASN B 192 -4.92 8.73 -6.29
N SER B 193 -4.05 8.24 -5.43
CA SER B 193 -2.61 8.40 -5.54
C SER B 193 -1.91 7.05 -5.44
N TRP B 194 -2.48 6.04 -6.12
CA TRP B 194 -1.91 4.70 -6.18
C TRP B 194 -1.47 4.33 -7.61
N GLY B 195 -1.24 5.34 -8.44
CA GLY B 195 -0.84 5.12 -9.83
C GLY B 195 -1.97 4.61 -10.69
N LEU B 196 -1.61 4.28 -11.93
CA LEU B 196 -2.60 3.89 -12.92
C LEU B 196 -3.20 2.52 -12.70
N ASN B 197 -2.51 1.65 -11.97
CA ASN B 197 -3.00 0.30 -11.80
C ASN B 197 -4.16 0.22 -10.79
N PHE B 198 -4.38 1.28 -10.03
CA PHE B 198 -5.53 1.33 -9.13
C PHE B 198 -6.77 1.68 -9.92
N GLY B 199 -7.87 1.01 -9.64
CA GLY B 199 -9.14 1.41 -10.19
C GLY B 199 -9.15 1.47 -11.70
N ASP B 200 -9.75 2.54 -12.22
CA ASP B 200 -9.87 2.81 -13.65
C ASP B 200 -8.83 3.87 -13.98
N GLN B 201 -7.63 3.44 -14.32
CA GLN B 201 -6.51 4.32 -14.64
C GLN B 201 -6.27 5.34 -13.51
N GLY B 202 -6.37 4.86 -12.27
CA GLY B 202 -6.08 5.66 -11.10
C GLY B 202 -7.25 6.32 -10.41
N TYR B 203 -8.45 6.18 -10.99
CA TYR B 203 -9.70 6.78 -10.54
C TYR B 203 -10.68 5.71 -10.08
N ILE B 204 -11.57 6.12 -9.18
CA ILE B 204 -12.68 5.27 -8.75
C ILE B 204 -13.94 6.13 -8.72
N ARG B 205 -15.05 5.55 -9.17
CA ARG B 205 -16.36 6.16 -9.04
C ARG B 205 -17.01 5.59 -7.79
N MET B 206 -17.34 6.45 -6.83
CA MET B 206 -17.85 6.03 -5.52
C MET B 206 -19.30 6.51 -5.38
N ALA B 207 -20.13 5.70 -4.74
CA ALA B 207 -21.56 6.01 -4.64
C ALA B 207 -21.78 7.41 -4.05
N ARG B 208 -22.67 8.13 -4.72
CA ARG B 208 -23.09 9.48 -4.34
C ARG B 208 -24.57 9.46 -3.97
N ASN B 209 -24.92 10.30 -3.00
CA ASN B 209 -26.29 10.42 -2.51
C ASN B 209 -26.79 9.17 -1.83
N ASN B 210 -25.86 8.31 -1.41
CA ASN B 210 -26.21 7.09 -0.68
C ASN B 210 -25.74 7.19 0.76
N LYS B 211 -26.39 8.08 1.49
CA LYS B 211 -26.18 8.21 2.93
C LYS B 211 -24.72 8.49 3.27
N ASN B 212 -24.09 9.34 2.48
CA ASN B 212 -22.71 9.72 2.74
C ASN B 212 -21.80 8.50 2.79
N HIS B 213 -21.87 7.72 1.71
CA HIS B 213 -21.19 6.44 1.61
C HIS B 213 -19.68 6.62 1.77
N CYS B 214 -19.10 5.78 2.62
CA CYS B 214 -17.67 5.82 2.95
C CYS B 214 -17.22 7.14 3.58
N GLY B 215 -18.16 7.95 4.07
CA GLY B 215 -17.82 9.23 4.67
C GLY B 215 -17.34 10.31 3.73
N ILE B 216 -17.62 10.15 2.44
CA ILE B 216 -16.99 10.99 1.40
C ILE B 216 -17.27 12.48 1.54
N ALA B 217 -18.42 12.86 2.12
CA ALA B 217 -18.72 14.27 2.32
C ALA B 217 -18.50 14.76 3.76
N SER B 218 -17.82 13.96 4.57
CA SER B 218 -17.61 14.31 5.98
C SER B 218 -16.60 15.43 6.20
N TYR B 219 -15.47 15.38 5.47
CA TYR B 219 -14.37 16.32 5.68
C TYR B 219 -13.87 16.84 4.35
N CYS B 220 -14.64 17.72 3.74
CA CYS B 220 -14.36 18.26 2.42
C CYS B 220 -13.77 19.64 2.52
N SER B 221 -12.71 19.91 1.76
CA SER B 221 -12.11 21.24 1.77
C SER B 221 -11.47 21.56 0.42
N TYR B 222 -11.32 22.83 0.14
CA TYR B 222 -10.56 23.25 -1.04
C TYR B 222 -9.88 24.57 -0.76
N PRO B 223 -8.75 24.81 -1.43
CA PRO B 223 -7.98 26.02 -1.22
C PRO B 223 -8.36 27.10 -2.21
N GLU B 224 -8.06 28.34 -1.84
CA GLU B 224 -8.07 29.44 -2.77
C GLU B 224 -6.68 30.00 -2.88
N ILE B 225 -6.31 30.32 -4.11
CA ILE B 225 -5.19 31.16 -4.40
C ILE B 225 -5.73 32.59 -4.19
C1 GOL C . 5.40 -10.42 15.33
O1 GOL C . 5.61 -11.14 14.11
C2 GOL C . 4.86 -9.01 15.10
O2 GOL C . 3.59 -9.03 14.44
C3 GOL C . 5.81 -8.20 14.25
O3 GOL C . 5.40 -6.84 14.22
CL JG7 D . 10.56 -20.30 -4.84
C15 JG7 D . 11.47 -21.63 -5.49
C18 JG7 D . 11.70 -21.53 -6.86
C19 JG7 D . 12.38 -22.54 -7.52
N16 JG7 D . 12.60 -22.49 -8.94
C31 JG7 D . 13.76 -23.18 -9.55
C36 JG7 D . 13.49 -23.54 -11.01
C32 JG7 D . 12.02 -21.39 -9.73
C37 JG7 D . 11.86 -21.74 -11.21
N25 JG7 D . 13.05 -22.37 -11.81
C39 JG7 D . 12.74 -22.76 -13.20
C40 JG7 D . 13.93 -23.31 -13.96
C30 JG7 D . 12.80 -23.62 -6.75
C22 JG7 D . 12.57 -23.70 -5.36
C6 JG7 D . 11.88 -22.69 -4.68
S2 JG7 D . 11.52 -22.78 -3.06
O23 JG7 D . 11.67 -21.53 -2.38
O24 JG7 D . 12.27 -23.87 -2.50
C5 JG7 D . 9.86 -23.21 -2.96
C9 JG7 D . 9.52 -24.55 -3.62
C10 JG7 D . 9.43 -23.44 -1.51
C7 JG7 D . 9.69 -24.91 -1.24
C13 JG7 D . 8.76 -25.47 -0.17
O29 JG7 D . 7.55 -25.58 -0.34
N17 JG7 D . 9.41 -25.81 0.92
C14 JG7 D . 8.83 -26.46 2.07
C27 JG7 D . 9.46 -27.75 2.56
C26 JG7 D . 8.15 -27.80 1.78
C20 JG7 D . 8.21 -25.53 3.07
N21 JG7 D . 7.61 -25.95 4.11
N3 JG7 D . 9.54 -25.56 -2.54
C4 JG7 D . 9.51 -26.89 -2.62
O28 JG7 D . 9.59 -27.60 -1.64
C1 JG7 D . 9.38 -27.58 -3.96
C8 JG7 D . 7.95 -27.72 -4.48
F35 JG7 D . 7.29 -28.45 -3.60
F34 JG7 D . 7.95 -28.34 -5.65
F33 JG7 D . 7.36 -26.56 -4.62
C12 JG7 D . 10.40 -28.67 -4.27
C11 JG7 D . 10.49 -27.33 -5.00
H22 JG7 D . 12.91 -24.57 -4.82
H30 JG7 D . 13.34 -24.44 -7.20
H18 JG7 D . 11.32 -20.67 -7.38
H311 JG7 D . 13.98 -24.10 -9.02
H312 JG7 D . 14.63 -22.53 -9.50
H321 JG7 D . 12.63 -20.50 -9.64
H322 JG7 D . 11.03 -21.16 -9.35
H361 JG7 D . 14.40 -23.95 -11.44
H362 JG7 D . 12.72 -24.31 -11.06
H371 JG7 D . 11.63 -20.82 -11.76
H372 JG7 D . 11.01 -22.40 -11.33
H391 JG7 D . 12.34 -21.89 -13.74
H392 JG7 D . 11.95 -23.52 -13.19
H401 JG7 D . 14.82 -22.91 -13.54
H402 JG7 D . 13.85 -23.03 -14.98
H403 JG7 D . 13.95 -24.37 -13.88
H5 JG7 D . 9.24 -22.42 -3.40
H91C JG7 D . 10.25 -24.79 -4.38
H92C JG7 D . 8.54 -24.49 -4.08
H101 JG7 D . 10.02 -22.82 -0.83
H102 JG7 D . 8.37 -23.19 -1.38
H7 JG7 D . 10.72 -25.02 -0.90
H17 JG7 D . 10.48 -25.60 0.94
H271 JG7 D . 10.35 -28.07 2.01
H272 JG7 D . 9.41 -27.94 3.62
H261 JG7 D . 8.21 -28.16 0.76
H262 JG7 D . 7.25 -28.03 2.37
H121 JG7 D . 11.16 -28.84 -3.50
H122 JG7 D . 10.05 -29.52 -4.85
H111 JG7 D . 11.32 -26.70 -4.69
H112 JG7 D . 10.22 -27.37 -6.06
CL JG7 E . -9.37 14.75 6.60
C15 JG7 E . -9.63 13.77 8.02
C18 JG7 E . -10.22 14.47 9.06
C19 JG7 E . -10.47 13.83 10.27
N16 JG7 E . -11.06 14.57 11.32
C31 JG7 E . -11.82 13.92 12.39
C36 JG7 E . -11.45 14.53 13.73
C32 JG7 E . -10.97 16.06 11.33
C37 JG7 E . -10.81 16.61 12.74
N25 JG7 E . -11.71 15.98 13.71
C39 JG7 E . -11.47 16.57 15.06
C40 JG7 E . -12.61 16.31 16.02
C30 JG7 E . -10.13 12.49 10.38
C22 JG7 E . -9.52 11.82 9.31
C6 JG7 E . -9.27 12.42 8.07
S2 JG7 E . -8.49 11.64 6.84
O23 JG7 E . -9.07 11.98 5.57
O24 JG7 E . -8.48 10.24 7.16
C5 JG7 E . -6.89 12.22 6.85
C9 JG7 E . -6.13 12.00 8.16
C10 JG7 E . -6.04 11.49 5.81
C7 JG7 E . -5.47 10.31 6.56
C13 JG7 E . -4.17 9.84 5.95
O29 JG7 E . -3.13 10.51 6.02
N17 JG7 E . -4.28 8.64 5.38
C14 JG7 E . -3.19 7.89 4.81
C27 JG7 E . -2.98 6.49 5.33
C26 JG7 E . -2.03 7.60 5.77
C20 JG7 E . -2.85 8.23 3.39
N21 JG7 E . -1.89 7.70 2.76
N3 JG7 E . -5.38 10.75 7.95
C4 JG7 E . -4.73 10.01 8.83
O28 JG7 E . -4.17 8.97 8.50
C1 JG7 E . -4.59 10.43 10.29
C8 JG7 E . -3.46 11.44 10.59
F35 JG7 E . -2.32 10.85 10.26
F34 JG7 E . -3.43 11.75 11.87
F33 JG7 E . -3.59 12.55 9.90
C12 JG7 E . -4.97 9.39 11.33
C11 JG7 E . -5.90 10.59 11.10
H22 JG7 E . -9.25 10.78 9.45
H30 JG7 E . -10.29 11.95 11.29
H18 JG7 E . -10.48 15.51 8.91
H311 JG7 E . -11.63 12.85 12.42
H312 JG7 E . -12.88 14.08 12.21
H321 JG7 E . -11.88 16.47 10.87
H322 JG7 E . -10.11 16.38 10.75
H361 JG7 E . -12.05 14.05 14.52
H362 JG7 E . -10.40 14.35 13.95
H371 JG7 E . -11.00 17.69 12.71
H372 JG7 E . -9.78 16.48 13.06
H391 JG7 E . -11.32 17.65 14.96
H392 JG7 E . -10.55 16.15 15.47
H401 JG7 E . -13.38 15.77 15.54
H402 JG7 E . -13.01 17.24 16.36
H403 JG7 E . -12.26 15.77 16.86
H5 JG7 E . -6.87 13.29 6.62
H91C JG7 E . -6.82 11.90 9.00
H92C JG7 E . -5.46 12.83 8.37
H101 JG7 E . -6.65 11.15 4.97
H102 JG7 E . -5.24 12.14 5.42
H7 JG7 E . -6.20 9.50 6.50
H17 JG7 E . -5.27 8.19 5.36
H271 JG7 E . -3.70 6.15 6.08
H272 JG7 E . -2.58 5.77 4.62
H261 JG7 E . -2.15 7.95 6.80
H262 JG7 E . -1.03 7.58 5.34
H121 JG7 E . -5.33 8.44 10.95
H122 JG7 E . -4.40 9.40 12.26
H111 JG7 E . -6.84 10.36 10.59
H112 JG7 E . -5.90 11.32 11.91
#